data_3MNM
#
_entry.id   3MNM
#
_cell.length_a   89.716
_cell.length_b   89.716
_cell.length_c   117.029
_cell.angle_alpha   90.00
_cell.angle_beta   90.00
_cell.angle_gamma   90.00
#
_symmetry.space_group_name_H-M   'P 43 21 2'
#
loop_
_entity.id
_entity.type
_entity.pdbx_description
1 polymer 'ADP-ribosylation factor-binding protein GGA2'
2 non-polymer 'SULFATE ION'
3 non-polymer GLYCEROL
4 water water
#
_entity_poly.entity_id   1
_entity_poly.type   'polypeptide(L)'
_entity_poly.pdbx_seq_one_letter_code
;SLGTTTAPARTLVNQSPNLKIEFEISRESNSVIRI(MLY)SFFTNLSSSPISNLVFLLAVPKSMSL(MLY)LQPQSSNFM
IGNAKDGISQEGTIENAPANPSKAL(MLY)VKWKVNYSVNSTQAEETAVFTLPNV
;
_entity_poly.pdbx_strand_id   A,B,C
#
loop_
_chem_comp.id
_chem_comp.type
_chem_comp.name
_chem_comp.formula
GOL non-polymer GLYCEROL 'C3 H8 O3'
SO4 non-polymer 'SULFATE ION' 'O4 S -2'
#
# COMPACT_ATOMS: atom_id res chain seq x y z
N ALA A 9 3.26 9.35 -26.07
CA ALA A 9 2.59 9.87 -24.89
C ALA A 9 3.23 9.31 -23.61
N ARG A 10 3.09 10.06 -22.52
CA ARG A 10 3.63 9.62 -21.23
C ARG A 10 2.56 8.90 -20.45
N THR A 11 2.93 7.79 -19.85
CA THR A 11 2.07 7.14 -18.87
C THR A 11 2.58 7.51 -17.49
N LEU A 12 1.67 7.95 -16.62
CA LEU A 12 2.05 8.26 -15.26
CA LEU A 12 2.02 8.27 -15.25
C LEU A 12 2.21 6.96 -14.47
N VAL A 13 3.34 6.83 -13.80
CA VAL A 13 3.62 5.67 -12.98
C VAL A 13 3.36 6.01 -11.52
N ASN A 14 3.91 7.12 -11.06
CA ASN A 14 3.69 7.54 -9.68
C ASN A 14 3.99 9.01 -9.49
N GLN A 15 3.28 9.63 -8.55
CA GLN A 15 3.61 10.97 -8.10
C GLN A 15 3.56 11.01 -6.60
N SER A 16 4.69 11.37 -5.97
CA SER A 16 4.77 11.47 -4.54
C SER A 16 4.94 12.94 -4.20
N PRO A 17 5.13 13.26 -2.92
CA PRO A 17 5.38 14.67 -2.56
C PRO A 17 6.64 15.21 -3.22
N ASN A 18 7.60 14.33 -3.52
CA ASN A 18 8.90 14.78 -4.03
C ASN A 18 9.19 14.42 -5.48
N LEU A 19 8.53 13.40 -6.01
CA LEU A 19 9.03 12.76 -7.22
C LEU A 19 7.90 12.28 -8.13
N LYS A 20 8.00 12.64 -9.39
CA LYS A 20 7.08 12.17 -10.41
C LYS A 20 7.79 11.20 -11.34
N ILE A 21 7.21 10.01 -11.53
CA ILE A 21 7.79 9.02 -12.43
C ILE A 21 6.84 8.76 -13.58
N GLU A 22 7.34 8.87 -14.81
CA GLU A 22 6.55 8.56 -16.00
C GLU A 22 7.28 7.58 -16.93
N PHE A 23 6.51 6.78 -17.67
CA PHE A 23 7.07 5.93 -18.71
C PHE A 23 6.59 6.42 -20.08
N GLU A 24 7.48 6.39 -21.05
CA GLU A 24 7.08 6.43 -22.46
C GLU A 24 7.18 5.02 -22.99
N ILE A 25 6.05 4.44 -23.38
CA ILE A 25 5.99 3.05 -23.81
C ILE A 25 5.55 2.98 -25.26
N SER A 26 6.31 2.23 -26.06
CA SER A 26 5.95 2.03 -27.46
C SER A 26 6.31 0.62 -27.93
N ARG A 27 5.54 0.09 -28.87
CA ARG A 27 5.88 -1.22 -29.43
C ARG A 27 6.72 -1.04 -30.68
N GLU A 28 7.76 -1.85 -30.81
CA GLU A 28 8.64 -1.76 -31.97
C GLU A 28 8.60 -3.02 -32.82
N SER A 29 8.31 -4.15 -32.18
CA SER A 29 8.27 -5.42 -32.88
C SER A 29 7.14 -6.24 -32.30
N ASN A 30 6.90 -7.42 -32.88
CA ASN A 30 5.92 -8.33 -32.32
C ASN A 30 6.34 -8.77 -30.92
N SER A 31 7.63 -8.62 -30.62
CA SER A 31 8.19 -9.12 -29.37
C SER A 31 8.94 -8.07 -28.55
N VAL A 32 9.09 -6.86 -29.09
CA VAL A 32 9.88 -5.82 -28.42
C VAL A 32 9.09 -4.57 -28.06
N ILE A 33 9.11 -4.23 -26.77
CA ILE A 33 8.54 -2.99 -26.29
C ILE A 33 9.68 -2.04 -25.89
N ARG A 34 9.57 -0.78 -26.28
CA ARG A 34 10.53 0.24 -25.86
C ARG A 34 9.93 0.98 -24.67
N ILE A 35 10.69 1.07 -23.58
CA ILE A 35 10.20 1.76 -22.39
C ILE A 35 11.28 2.71 -21.88
N MLY A 36 10.93 3.99 -21.81
CA MLY A 36 11.83 5.00 -21.29
CB MLY A 36 12.18 6.05 -22.33
CG MLY A 36 13.17 7.09 -21.84
CD MLY A 36 13.78 7.89 -22.98
CE MLY A 36 14.81 8.87 -22.47
NZ MLY A 36 15.42 9.71 -23.55
CH1 MLY A 36 16.37 8.85 -24.26
CH2 MLY A 36 16.18 10.77 -22.88
C MLY A 36 11.20 5.64 -20.08
O MLY A 36 10.07 6.15 -20.13
N SER A 37 11.91 5.62 -18.96
CA SER A 37 11.42 6.27 -17.74
C SER A 37 11.95 7.70 -17.60
N PHE A 38 11.09 8.57 -17.08
CA PHE A 38 11.42 9.97 -16.86
C PHE A 38 11.11 10.35 -15.44
N PHE A 39 12.08 11.01 -14.80
CA PHE A 39 11.97 11.38 -13.40
C PHE A 39 11.98 12.89 -13.29
N THR A 40 10.95 13.41 -12.65
CA THR A 40 10.75 14.85 -12.46
C THR A 40 10.71 15.19 -10.97
N ASN A 41 11.51 16.18 -10.59
CA ASN A 41 11.61 16.55 -9.20
C ASN A 41 10.46 17.50 -8.84
N LEU A 42 9.66 17.14 -7.84
CA LEU A 42 8.56 18.00 -7.40
C LEU A 42 8.93 18.81 -6.16
N SER A 43 10.15 18.60 -5.66
CA SER A 43 10.64 19.30 -4.49
C SER A 43 11.40 20.56 -4.93
N SER A 44 11.41 21.60 -4.11
CA SER A 44 12.21 22.78 -4.41
CA SER A 44 12.21 22.78 -4.44
C SER A 44 13.68 22.51 -4.14
N SER A 45 13.94 21.44 -3.40
CA SER A 45 15.30 21.06 -3.05
CA SER A 45 15.30 21.04 -3.04
C SER A 45 15.80 19.94 -3.98
N PRO A 46 17.13 19.80 -4.08
CA PRO A 46 17.60 18.75 -5.01
C PRO A 46 17.36 17.34 -4.51
N ILE A 47 17.16 16.44 -5.46
CA ILE A 47 17.11 15.02 -5.19
C ILE A 47 18.45 14.41 -5.57
N SER A 48 19.02 13.59 -4.70
CA SER A 48 20.32 12.98 -4.99
C SER A 48 20.27 11.48 -4.71
N ASN A 49 21.35 10.79 -5.07
CA ASN A 49 21.49 9.38 -4.79
C ASN A 49 20.31 8.56 -5.32
N LEU A 50 19.74 8.96 -6.46
CA LEU A 50 18.51 8.28 -6.93
C LEU A 50 18.86 6.93 -7.58
N VAL A 51 18.25 5.87 -7.04
CA VAL A 51 18.49 4.51 -7.49
C VAL A 51 17.14 3.91 -7.86
N PHE A 52 16.98 3.55 -9.13
CA PHE A 52 15.70 3.01 -9.63
C PHE A 52 15.86 1.55 -10.02
N LEU A 53 14.95 0.72 -9.51
CA LEU A 53 14.96 -0.72 -9.80
C LEU A 53 13.64 -1.10 -10.48
N LEU A 54 13.74 -1.78 -11.61
CA LEU A 54 12.56 -2.20 -12.37
C LEU A 54 12.61 -3.68 -12.65
N ALA A 55 11.48 -4.36 -12.49
CA ALA A 55 11.43 -5.79 -12.76
C ALA A 55 10.19 -6.10 -13.58
N VAL A 56 10.33 -7.07 -14.49
CA VAL A 56 9.22 -7.48 -15.37
C VAL A 56 8.95 -8.97 -15.13
N PRO A 57 7.83 -9.48 -15.70
CA PRO A 57 7.54 -10.92 -15.53
C PRO A 57 8.68 -11.83 -15.98
N LYS A 58 8.78 -12.99 -15.36
CA LYS A 58 9.88 -13.92 -15.60
C LYS A 58 10.01 -14.31 -17.06
N SER A 59 8.88 -14.41 -17.76
CA SER A 59 8.88 -14.87 -19.13
C SER A 59 9.47 -13.84 -20.09
N MET A 60 9.59 -12.60 -19.62
CA MET A 60 10.13 -11.53 -20.45
C MET A 60 11.55 -11.14 -20.05
N SER A 61 12.14 -10.25 -20.83
CA SER A 61 13.55 -9.93 -20.66
C SER A 61 13.77 -8.43 -20.76
N LEU A 62 14.07 -7.81 -19.62
CA LEU A 62 14.33 -6.37 -19.55
C LEU A 62 15.79 -6.06 -19.92
N MLY A 63 15.99 -5.07 -20.79
CA MLY A 63 17.34 -4.63 -21.18
CB MLY A 63 17.69 -5.08 -22.61
CG MLY A 63 17.63 -6.59 -22.86
CD MLY A 63 18.73 -7.34 -22.07
CE MLY A 63 18.65 -8.86 -22.30
NZ MLY A 63 19.55 -9.67 -21.42
CH1 MLY A 63 19.14 -11.08 -21.56
CH2 MLY A 63 19.26 -9.31 -20.01
C MLY A 63 17.44 -3.13 -21.06
O MLY A 63 16.94 -2.39 -21.93
N LEU A 64 18.08 -2.65 -19.99
CA LEU A 64 18.13 -1.23 -19.66
C LEU A 64 19.48 -0.60 -19.98
N GLN A 65 19.45 0.54 -20.66
CA GLN A 65 20.66 1.34 -20.79
C GLN A 65 20.91 2.07 -19.48
N PRO A 66 22.10 2.65 -19.32
CA PRO A 66 22.36 3.23 -17.99
C PRO A 66 21.44 4.40 -17.64
N GLN A 67 21.17 4.54 -16.35
CA GLN A 67 20.44 5.67 -15.84
C GLN A 67 21.26 6.94 -16.13
N SER A 68 20.61 7.98 -16.65
CA SER A 68 21.33 9.14 -17.18
C SER A 68 22.13 9.90 -16.11
N SER A 69 21.59 9.96 -14.90
CA SER A 69 22.22 10.59 -13.74
C SER A 69 21.53 10.06 -12.48
N ASN A 70 21.99 10.48 -11.31
CA ASN A 70 21.34 10.10 -10.06
C ASN A 70 21.00 11.30 -9.20
N PHE A 71 21.06 12.48 -9.82
CA PHE A 71 20.76 13.73 -9.14
CA PHE A 71 20.70 13.70 -9.12
C PHE A 71 19.97 14.67 -10.04
N MET A 72 19.12 15.50 -9.44
CA MET A 72 18.51 16.59 -10.20
C MET A 72 18.15 17.76 -9.29
N ILE A 73 18.31 18.96 -9.82
CA ILE A 73 18.05 20.17 -9.07
CA ILE A 73 18.06 20.17 -9.07
C ILE A 73 16.57 20.30 -8.75
N GLY A 74 16.24 21.14 -7.77
CA GLY A 74 14.85 21.42 -7.43
C GLY A 74 14.01 21.71 -8.65
N ASN A 75 12.81 21.11 -8.71
CA ASN A 75 11.84 21.30 -9.79
C ASN A 75 12.28 20.83 -11.18
N ALA A 76 13.37 20.07 -11.26
CA ALA A 76 13.86 19.63 -12.56
C ALA A 76 12.80 18.81 -13.29
N LYS A 77 12.52 19.19 -14.52
CA LYS A 77 11.66 18.38 -15.38
C LYS A 77 12.49 17.39 -16.18
N ASP A 78 12.13 16.10 -16.08
CA ASP A 78 12.86 15.06 -16.78
C ASP A 78 14.36 15.17 -16.45
N GLY A 79 14.64 15.35 -15.18
CA GLY A 79 16.02 15.51 -14.72
C GLY A 79 16.85 14.25 -14.87
N ILE A 80 16.19 13.10 -14.80
CA ILE A 80 16.85 11.82 -14.95
C ILE A 80 15.99 10.98 -15.86
N SER A 81 16.62 10.17 -16.70
CA SER A 81 15.87 9.22 -17.52
C SER A 81 16.63 7.93 -17.71
N GLN A 82 15.92 6.89 -18.12
CA GLN A 82 16.57 5.63 -18.43
C GLN A 82 15.84 4.95 -19.59
N GLU A 83 16.58 4.66 -20.66
CA GLU A 83 15.98 4.00 -21.82
C GLU A 83 16.20 2.50 -21.76
N GLY A 84 15.21 1.72 -22.19
CA GLY A 84 15.33 0.28 -22.22
C GLY A 84 14.31 -0.40 -23.13
N THR A 85 14.41 -1.72 -23.21
CA THR A 85 13.43 -2.52 -23.92
C THR A 85 12.99 -3.74 -23.11
N ILE A 86 11.80 -4.23 -23.41
CA ILE A 86 11.35 -5.50 -22.88
C ILE A 86 11.23 -6.46 -24.06
N GLU A 87 11.99 -7.55 -24.01
CA GLU A 87 11.99 -8.58 -25.05
C GLU A 87 11.07 -9.74 -24.64
N ASN A 88 10.68 -10.55 -25.63
CA ASN A 88 9.74 -11.64 -25.41
C ASN A 88 8.41 -11.14 -24.86
N ALA A 89 7.97 -9.99 -25.34
CA ALA A 89 6.68 -9.42 -24.94
C ALA A 89 5.75 -9.30 -26.14
N PRO A 90 4.92 -10.34 -26.36
CA PRO A 90 3.97 -10.46 -27.47
C PRO A 90 2.80 -9.48 -27.38
N ALA A 91 2.21 -9.17 -28.54
CA ALA A 91 1.15 -8.16 -28.63
C ALA A 91 -0.12 -8.49 -27.83
N ASN A 92 -0.38 -9.77 -27.63
CA ASN A 92 -1.57 -10.19 -26.91
C ASN A 92 -1.67 -9.58 -25.51
N ALA A 96 -1.75 -8.91 -19.65
CA ALA A 96 -1.30 -7.58 -19.26
C ALA A 96 0.11 -7.61 -18.65
N LEU A 97 0.91 -6.61 -19.02
CA LEU A 97 2.30 -6.52 -18.61
C LEU A 97 2.44 -5.86 -17.22
N MLY A 98 2.77 -6.68 -16.22
CA MLY A 98 2.86 -6.24 -14.82
CB MLY A 98 2.38 -7.37 -13.90
CG MLY A 98 2.52 -7.15 -12.40
CD MLY A 98 2.02 -8.40 -11.66
CE MLY A 98 2.01 -8.24 -10.15
NZ MLY A 98 1.53 -9.47 -9.45
C MLY A 98 4.31 -5.89 -14.47
O MLY A 98 5.23 -6.64 -14.78
N VAL A 99 4.49 -4.75 -13.82
CA VAL A 99 5.82 -4.27 -13.49
C VAL A 99 5.98 -4.04 -11.99
N LYS A 100 7.18 -4.26 -11.48
CA LYS A 100 7.44 -3.97 -10.07
C LYS A 100 8.60 -2.98 -10.09
N TRP A 101 8.42 -1.84 -9.45
CA TRP A 101 9.49 -0.83 -9.44
C TRP A 101 9.74 -0.34 -8.02
N LYS A 102 10.96 0.15 -7.80
CA LYS A 102 11.33 0.70 -6.51
C LYS A 102 12.27 1.85 -6.79
N VAL A 103 12.14 2.91 -6.01
CA VAL A 103 13.09 4.01 -6.10
C VAL A 103 13.54 4.43 -4.71
N ASN A 104 14.83 4.67 -4.55
CA ASN A 104 15.40 5.17 -3.31
C ASN A 104 16.16 6.43 -3.67
N TYR A 105 16.04 7.47 -2.85
CA TYR A 105 16.74 8.71 -3.13
C TYR A 105 16.84 9.54 -1.86
N SER A 106 17.64 10.60 -1.92
CA SER A 106 17.80 11.52 -0.80
CA SER A 106 17.73 11.51 -0.80
C SER A 106 17.17 12.88 -1.16
N VAL A 107 16.49 13.50 -0.21
CA VAL A 107 15.95 14.85 -0.39
C VAL A 107 15.80 15.50 0.99
N ASN A 108 16.14 16.79 1.09
CA ASN A 108 16.09 17.48 2.39
C ASN A 108 16.90 16.80 3.50
N SER A 109 18.04 16.21 3.15
CA SER A 109 18.85 15.42 4.08
C SER A 109 18.08 14.32 4.82
N THR A 110 17.08 13.73 4.15
CA THR A 110 16.41 12.54 4.65
C THR A 110 16.41 11.51 3.53
N GLN A 111 16.10 10.25 3.86
CA GLN A 111 16.13 9.20 2.86
C GLN A 111 14.71 8.78 2.52
N ALA A 112 14.41 8.73 1.23
CA ALA A 112 13.05 8.44 0.79
C ALA A 112 13.02 7.16 -0.03
N GLU A 113 11.86 6.53 -0.06
CA GLU A 113 11.70 5.30 -0.83
C GLU A 113 10.25 5.25 -1.28
N GLU A 114 10.04 4.85 -2.53
CA GLU A 114 8.69 4.61 -3.05
C GLU A 114 8.73 3.31 -3.83
N THR A 115 7.66 2.52 -3.76
CA THR A 115 7.62 1.27 -4.49
C THR A 115 6.18 0.99 -4.92
N ALA A 116 6.02 0.25 -6.02
CA ALA A 116 4.70 -0.24 -6.45
C ALA A 116 4.79 -1.32 -7.50
N VAL A 117 3.62 -1.87 -7.84
CA VAL A 117 3.41 -2.72 -9.01
C VAL A 117 2.65 -1.94 -10.09
N PHE A 118 3.20 -1.90 -11.32
CA PHE A 118 2.63 -1.09 -12.40
C PHE A 118 2.25 -1.90 -13.64
N THR A 119 1.00 -1.75 -14.08
CA THR A 119 0.51 -2.45 -15.26
C THR A 119 0.65 -1.60 -16.51
N LEU A 120 1.43 -2.08 -17.47
CA LEU A 120 1.66 -1.34 -18.70
C LEU A 120 0.41 -1.24 -19.55
N PRO A 121 0.23 -0.09 -20.23
CA PRO A 121 -0.84 0.01 -21.23
C PRO A 121 -0.53 -0.96 -22.36
N ASN A 122 -1.58 -1.43 -23.03
CA ASN A 122 -1.37 -2.36 -24.13
C ASN A 122 -0.76 -1.63 -25.32
N VAL A 123 0.41 -2.07 -25.74
CA VAL A 123 1.04 -1.56 -26.95
C VAL A 123 1.33 -2.72 -27.88
N ALA B 9 -5.97 22.52 4.44
CA ALA B 9 -5.46 22.10 3.14
C ALA B 9 -4.98 20.64 3.18
N ARG B 10 -4.74 20.06 2.02
CA ARG B 10 -4.29 18.67 1.97
C ARG B 10 -2.92 18.48 1.41
N THR B 11 -2.16 17.60 2.06
CA THR B 11 -0.86 17.22 1.58
C THR B 11 -1.04 15.98 0.71
N LEU B 12 -0.57 16.06 -0.52
CA LEU B 12 -0.57 14.89 -1.38
C LEU B 12 0.44 13.93 -0.79
N VAL B 13 0.05 12.68 -0.64
CA VAL B 13 0.93 11.65 -0.13
C VAL B 13 1.34 10.76 -1.30
N ASN B 14 0.37 10.43 -2.14
CA ASN B 14 0.66 9.65 -3.31
C ASN B 14 -0.42 9.69 -4.37
N GLN B 15 0.03 9.58 -5.62
CA GLN B 15 -0.91 9.45 -6.72
C GLN B 15 -0.37 8.45 -7.73
N SER B 16 -1.02 7.30 -7.80
CA SER B 16 -0.60 6.28 -8.74
C SER B 16 -1.62 6.21 -9.88
N PRO B 17 -1.47 5.23 -10.78
CA PRO B 17 -2.48 5.10 -11.84
C PRO B 17 -3.87 4.83 -11.25
N ASN B 18 -3.92 4.23 -10.07
CA ASN B 18 -5.22 3.80 -9.50
C ASN B 18 -5.68 4.57 -8.27
N LEU B 19 -4.76 5.14 -7.51
CA LEU B 19 -5.10 5.58 -6.17
C LEU B 19 -4.42 6.89 -5.79
N LYS B 20 -5.21 7.82 -5.28
CA LYS B 20 -4.69 9.05 -4.69
C LYS B 20 -4.84 8.99 -3.17
N ILE B 21 -3.75 9.28 -2.47
CA ILE B 21 -3.75 9.33 -1.02
C ILE B 21 -3.37 10.74 -0.60
N GLU B 22 -4.20 11.33 0.26
CA GLU B 22 -3.91 12.67 0.81
C GLU B 22 -3.99 12.65 2.33
N PHE B 23 -3.18 13.48 2.99
CA PHE B 23 -3.31 13.66 4.43
C PHE B 23 -3.75 15.08 4.70
N GLU B 24 -4.71 15.23 5.60
CA GLU B 24 -4.96 16.51 6.27
C GLU B 24 -4.21 16.48 7.60
N ILE B 25 -3.24 17.37 7.74
CA ILE B 25 -2.40 17.39 8.93
C ILE B 25 -2.54 18.72 9.65
N SER B 26 -2.72 18.68 10.96
CA SER B 26 -2.81 19.89 11.75
C SER B 26 -2.35 19.69 13.18
N ARG B 27 -2.05 20.77 13.89
CA ARG B 27 -1.60 20.64 15.26
C ARG B 27 -2.75 20.83 16.25
N GLU B 28 -2.85 19.91 17.22
CA GLU B 28 -3.85 19.97 18.28
C GLU B 28 -3.32 20.60 19.56
N SER B 29 -2.05 20.36 19.84
CA SER B 29 -1.41 20.94 21.02
C SER B 29 0.10 20.91 20.81
N ASN B 30 0.84 21.30 21.84
CA ASN B 30 2.30 21.34 21.73
C ASN B 30 2.92 19.99 21.39
N SER B 31 2.18 18.91 21.63
CA SER B 31 2.72 17.57 21.43
C SER B 31 1.79 16.63 20.66
N VAL B 32 0.68 17.13 20.15
CA VAL B 32 -0.25 16.26 19.42
C VAL B 32 -0.54 16.78 18.02
N ILE B 33 -0.41 15.89 17.03
CA ILE B 33 -0.75 16.23 15.67
C ILE B 33 -1.97 15.41 15.25
N ARG B 34 -2.91 16.06 14.58
CA ARG B 34 -4.10 15.40 14.01
C ARG B 34 -3.78 15.01 12.57
N ILE B 35 -4.10 13.78 12.20
CA ILE B 35 -3.81 13.33 10.84
C ILE B 35 -4.99 12.54 10.31
N MLY B 36 -5.55 13.00 9.19
CA MLY B 36 -6.64 12.28 8.57
CB MLY B 36 -7.96 13.09 8.62
CG MLY B 36 -9.15 12.32 8.07
CD MLY B 36 -10.48 12.99 8.38
CE MLY B 36 -11.62 12.23 7.71
NZ MLY B 36 -12.92 12.27 8.46
CH1 MLY B 36 -14.00 12.03 7.48
CH2 MLY B 36 -13.12 13.60 9.03
C MLY B 36 -6.28 11.93 7.12
O MLY B 36 -5.93 12.80 6.33
N SER B 37 -6.32 10.65 6.80
CA SER B 37 -6.00 10.22 5.45
C SER B 37 -7.28 10.09 4.62
N PHE B 38 -7.17 10.48 3.36
CA PHE B 38 -8.26 10.41 2.39
C PHE B 38 -7.82 9.64 1.16
N PHE B 39 -8.62 8.67 0.77
CA PHE B 39 -8.31 7.84 -0.37
C PHE B 39 -9.30 8.11 -1.48
N THR B 40 -8.76 8.37 -2.65
CA THR B 40 -9.56 8.70 -3.82
C THR B 40 -9.24 7.71 -4.94
N ASN B 41 -10.29 7.12 -5.51
CA ASN B 41 -10.11 6.15 -6.56
C ASN B 41 -9.91 6.83 -7.90
N LEU B 42 -8.79 6.56 -8.57
CA LEU B 42 -8.52 7.15 -9.89
C LEU B 42 -8.87 6.20 -11.03
N SER B 43 -9.31 4.99 -10.69
CA SER B 43 -9.68 3.99 -11.67
C SER B 43 -11.17 4.09 -11.94
N SER B 44 -11.59 3.73 -13.15
CA SER B 44 -13.01 3.65 -13.47
C SER B 44 -13.60 2.40 -12.81
N SER B 45 -12.71 1.51 -12.37
CA SER B 45 -13.08 0.24 -11.75
C SER B 45 -13.01 0.35 -10.24
N PRO B 46 -13.79 -0.47 -9.51
CA PRO B 46 -13.81 -0.36 -8.05
C PRO B 46 -12.51 -0.88 -7.45
N ILE B 47 -12.12 -0.25 -6.35
CA ILE B 47 -11.02 -0.72 -5.55
C ILE B 47 -11.58 -1.46 -4.34
N SER B 48 -11.09 -2.68 -4.11
CA SER B 48 -11.59 -3.47 -2.99
C SER B 48 -10.45 -3.96 -2.08
N ASN B 49 -10.79 -4.50 -0.93
CA ASN B 49 -9.82 -5.11 -0.03
C ASN B 49 -8.70 -4.15 0.34
N LEU B 50 -9.03 -2.87 0.48
CA LEU B 50 -7.98 -1.87 0.73
C LEU B 50 -7.54 -1.92 2.20
N VAL B 51 -6.24 -2.18 2.38
CA VAL B 51 -5.64 -2.28 3.69
C VAL B 51 -4.51 -1.25 3.79
N PHE B 52 -4.66 -0.29 4.70
CA PHE B 52 -3.67 0.78 4.87
C PHE B 52 -2.92 0.63 6.19
N LEU B 53 -1.59 0.74 6.14
CA LEU B 53 -0.75 0.56 7.30
C LEU B 53 0.14 1.78 7.42
N LEU B 54 0.16 2.38 8.61
CA LEU B 54 0.91 3.60 8.80
C LEU B 54 1.79 3.43 10.05
N ALA B 55 3.04 3.87 9.96
CA ALA B 55 3.94 3.79 11.09
C ALA B 55 4.64 5.13 11.27
N VAL B 56 4.86 5.51 12.51
CA VAL B 56 5.55 6.76 12.83
C VAL B 56 6.83 6.44 13.62
N PRO B 57 7.65 7.47 13.93
CA PRO B 57 8.87 7.20 14.68
C PRO B 57 8.60 6.55 16.04
N LYS B 58 9.55 5.75 16.50
CA LYS B 58 9.43 5.01 17.75
C LYS B 58 9.15 5.92 18.94
N SER B 59 9.67 7.14 18.90
CA SER B 59 9.49 8.07 20.02
C SER B 59 8.05 8.57 20.12
N MET B 60 7.28 8.39 19.05
CA MET B 60 5.93 8.93 18.98
C MET B 60 4.86 7.84 19.10
N SER B 61 3.61 8.26 19.26
CA SER B 61 2.53 7.33 19.50
C SER B 61 1.36 7.61 18.56
N LEU B 62 1.07 6.64 17.70
CA LEU B 62 -0.01 6.77 16.74
C LEU B 62 -1.30 6.15 17.30
N MLY B 63 -2.40 6.91 17.20
CA MLY B 63 -3.70 6.43 17.62
CB MLY B 63 -4.21 7.25 18.82
CG MLY B 63 -3.30 7.15 20.03
CD MLY B 63 -3.25 5.72 20.56
CE MLY B 63 -2.38 5.61 21.81
NZ MLY B 63 -2.41 4.23 22.39
C MLY B 63 -4.66 6.59 16.44
O MLY B 63 -4.98 7.71 16.04
N LEU B 64 -5.14 5.47 15.90
CA LEU B 64 -6.00 5.52 14.71
C LEU B 64 -7.41 5.02 14.99
N GLN B 65 -8.40 5.76 14.50
CA GLN B 65 -9.76 5.25 14.43
C GLN B 65 -9.85 4.26 13.27
N PRO B 66 -10.89 3.42 13.25
CA PRO B 66 -10.99 2.45 12.15
C PRO B 66 -11.07 3.11 10.78
N GLN B 67 -10.52 2.41 9.80
CA GLN B 67 -10.68 2.78 8.41
C GLN B 67 -12.18 2.83 8.13
N SER B 68 -12.64 3.85 7.43
CA SER B 68 -14.08 4.03 7.21
C SER B 68 -14.70 2.89 6.40
N SER B 69 -13.92 2.35 5.46
CA SER B 69 -14.34 1.21 4.64
C SER B 69 -13.09 0.62 4.00
N ASN B 70 -13.25 -0.47 3.26
CA ASN B 70 -12.13 -1.02 2.50
C ASN B 70 -12.44 -1.15 1.02
N PHE B 71 -13.50 -0.46 0.58
CA PHE B 71 -13.94 -0.54 -0.81
CA PHE B 71 -13.85 -0.50 -0.82
C PHE B 71 -14.40 0.83 -1.29
N MET B 72 -14.16 1.15 -2.56
CA MET B 72 -14.81 2.31 -3.14
C MET B 72 -15.08 2.13 -4.63
N ILE B 73 -16.22 2.66 -5.07
N ILE B 73 -16.22 2.64 -5.08
CA ILE B 73 -16.61 2.56 -6.47
CA ILE B 73 -16.58 2.53 -6.49
C ILE B 73 -15.67 3.36 -7.37
C ILE B 73 -15.58 3.26 -7.37
N GLY B 74 -15.74 3.07 -8.67
CA GLY B 74 -14.95 3.78 -9.66
C GLY B 74 -15.01 5.28 -9.46
N ASN B 75 -13.85 5.92 -9.54
CA ASN B 75 -13.75 7.38 -9.43
C ASN B 75 -14.19 8.01 -8.12
N ALA B 76 -14.38 7.21 -7.07
CA ALA B 76 -14.87 7.77 -5.81
C ALA B 76 -13.90 8.82 -5.24
N LYS B 77 -14.43 9.99 -4.92
CA LYS B 77 -13.64 11.01 -4.21
C LYS B 77 -13.75 10.82 -2.70
N ASP B 78 -12.60 10.69 -2.04
CA ASP B 78 -12.63 10.50 -0.60
C ASP B 78 -13.53 9.30 -0.24
N GLY B 79 -13.37 8.22 -1.00
CA GLY B 79 -14.18 7.01 -0.81
C GLY B 79 -13.88 6.31 0.49
N ILE B 80 -12.63 6.44 0.95
CA ILE B 80 -12.21 5.88 2.23
C ILE B 80 -11.45 6.95 3.00
N SER B 81 -11.61 6.99 4.32
CA SER B 81 -10.78 7.87 5.14
C SER B 81 -10.41 7.18 6.45
N GLN B 82 -9.39 7.71 7.12
CA GLN B 82 -9.03 7.22 8.44
C GLN B 82 -8.48 8.36 9.27
N GLU B 83 -9.09 8.57 10.42
CA GLU B 83 -8.69 9.65 11.32
C GLU B 83 -7.78 9.15 12.41
N GLY B 84 -6.85 9.99 12.82
CA GLY B 84 -6.02 9.64 13.95
C GLY B 84 -5.23 10.80 14.50
N THR B 85 -4.42 10.51 15.50
CA THR B 85 -3.48 11.47 16.05
C THR B 85 -2.12 10.85 16.23
N ILE B 86 -1.12 11.72 16.32
CA ILE B 86 0.22 11.31 16.66
C ILE B 86 0.59 12.06 17.93
N GLU B 87 0.91 11.32 18.98
CA GLU B 87 1.24 11.91 20.27
C GLU B 87 2.74 11.94 20.49
N ASN B 88 3.19 12.78 21.42
CA ASN B 88 4.61 12.99 21.66
C ASN B 88 5.28 13.50 20.39
N ALA B 89 4.63 14.45 19.73
CA ALA B 89 5.13 15.05 18.51
C ALA B 89 5.26 16.58 18.65
N PRO B 90 6.25 17.03 19.43
CA PRO B 90 6.50 18.46 19.69
C PRO B 90 6.68 19.30 18.42
N ALA B 91 6.34 20.58 18.50
CA ALA B 91 6.49 21.48 17.36
C ALA B 91 7.97 21.69 17.02
N ASN B 92 8.26 21.74 15.72
CA ASN B 92 9.64 21.80 15.21
C ASN B 92 10.38 20.45 15.30
N ALA B 96 12.20 16.73 11.36
CA ALA B 96 11.19 16.30 10.39
C ALA B 96 10.59 14.95 10.78
N LEU B 97 9.26 14.91 10.86
CA LEU B 97 8.53 13.71 11.25
C LEU B 97 8.34 12.74 10.07
N MLY B 98 9.00 11.59 10.17
CA MLY B 98 9.09 10.64 9.09
CB MLY B 98 10.46 9.97 9.16
CG MLY B 98 10.75 8.90 8.14
CD MLY B 98 11.99 8.10 8.55
CE MLY B 98 12.93 7.90 7.39
NZ MLY B 98 13.63 6.58 7.45
CH1 MLY B 98 14.27 6.47 8.76
CH2 MLY B 98 14.68 6.60 6.43
C MLY B 98 8.02 9.61 9.29
O MLY B 98 7.89 9.05 10.37
N VAL B 99 7.23 9.34 8.25
CA VAL B 99 6.25 8.26 8.34
C VAL B 99 6.53 7.21 7.28
N LYS B 100 6.06 6.00 7.56
CA LYS B 100 6.16 4.94 6.58
C LYS B 100 4.76 4.43 6.38
N TRP B 101 4.35 4.33 5.12
CA TRP B 101 3.02 3.81 4.85
C TRP B 101 3.04 2.73 3.80
N LYS B 102 2.06 1.84 3.87
CA LYS B 102 1.89 0.79 2.89
C LYS B 102 0.40 0.65 2.63
N VAL B 103 0.04 0.47 1.36
CA VAL B 103 -1.35 0.14 1.05
C VAL B 103 -1.40 -1.09 0.16
N ASN B 104 -2.34 -2.00 0.45
CA ASN B 104 -2.58 -3.14 -0.43
C ASN B 104 -4.04 -3.07 -0.82
N TYR B 105 -4.34 -3.36 -2.07
CA TYR B 105 -5.73 -3.37 -2.54
C TYR B 105 -5.88 -4.16 -3.82
N SER B 106 -7.13 -4.38 -4.22
CA SER B 106 -7.45 -5.09 -5.44
CA SER B 106 -7.40 -5.07 -5.46
C SER B 106 -8.12 -4.14 -6.42
N VAL B 107 -7.74 -4.24 -7.69
CA VAL B 107 -8.34 -3.45 -8.76
C VAL B 107 -8.15 -4.20 -10.08
N ASN B 108 -9.17 -4.20 -10.93
CA ASN B 108 -9.09 -4.91 -12.21
C ASN B 108 -8.72 -6.39 -12.08
N SER B 109 -9.19 -7.03 -11.03
CA SER B 109 -8.85 -8.43 -10.74
C SER B 109 -7.34 -8.68 -10.60
N THR B 110 -6.59 -7.63 -10.28
CA THR B 110 -5.18 -7.77 -9.96
C THR B 110 -4.92 -7.26 -8.53
N GLN B 111 -3.78 -7.62 -7.96
CA GLN B 111 -3.45 -7.20 -6.62
C GLN B 111 -2.41 -6.09 -6.67
N ALA B 112 -2.70 -4.98 -6.01
CA ALA B 112 -1.81 -3.81 -6.06
C ALA B 112 -1.16 -3.59 -4.71
N GLU B 113 0.05 -3.06 -4.72
CA GLU B 113 0.68 -2.66 -3.47
C GLU B 113 1.51 -1.43 -3.75
N GLU B 114 1.36 -0.44 -2.89
CA GLU B 114 2.12 0.80 -2.98
CA GLU B 114 2.15 0.78 -2.98
C GLU B 114 2.69 1.12 -1.60
N THR B 115 3.93 1.58 -1.54
CA THR B 115 4.50 1.96 -0.25
C THR B 115 5.38 3.18 -0.44
N ALA B 116 5.60 3.89 0.65
CA ALA B 116 6.58 4.98 0.64
C ALA B 116 7.02 5.33 2.04
N VAL B 117 8.18 5.96 2.10
CA VAL B 117 8.69 6.61 3.27
C VAL B 117 8.91 8.05 2.85
N PHE B 118 8.34 8.97 3.62
CA PHE B 118 8.54 10.39 3.41
C PHE B 118 8.34 11.13 4.74
N THR B 119 8.46 12.46 4.71
CA THR B 119 8.36 13.27 5.92
C THR B 119 7.21 14.29 5.88
N LEU B 120 6.48 14.41 7.00
CA LEU B 120 5.36 15.34 7.09
C LEU B 120 5.82 16.79 6.98
N PRO B 121 4.91 17.67 6.54
CA PRO B 121 5.21 19.11 6.57
C PRO B 121 5.27 19.56 8.02
N ASN B 122 6.11 20.55 8.32
CA ASN B 122 6.17 21.07 9.68
C ASN B 122 4.83 21.69 10.05
N VAL B 123 4.34 21.35 11.24
CA VAL B 123 3.05 21.86 11.69
C VAL B 123 3.10 22.19 13.17
CA PRO C 8 -19.51 -23.19 11.31
C PRO C 8 -18.61 -23.31 12.54
N ALA C 9 -17.72 -24.30 12.54
CA ALA C 9 -16.77 -24.48 13.63
C ALA C 9 -15.59 -23.52 13.45
N ARG C 10 -14.96 -23.15 14.56
CA ARG C 10 -13.78 -22.28 14.51
C ARG C 10 -12.53 -23.08 14.17
N THR C 11 -11.73 -22.55 13.26
CA THR C 11 -10.42 -23.11 12.98
C THR C 11 -9.37 -22.14 13.51
N LEU C 12 -8.46 -22.63 14.35
CA LEU C 12 -7.43 -21.77 14.91
C LEU C 12 -6.39 -21.44 13.85
N VAL C 13 -6.07 -20.16 13.73
CA VAL C 13 -5.09 -19.70 12.76
C VAL C 13 -3.80 -19.39 13.49
N ASN C 14 -3.94 -18.71 14.62
CA ASN C 14 -2.79 -18.37 15.44
C ASN C 14 -3.16 -17.95 16.85
N GLN C 15 -2.25 -18.26 17.77
CA GLN C 15 -2.36 -17.78 19.13
C GLN C 15 -1.00 -17.30 19.62
N SER C 16 -0.90 -16.00 19.86
CA SER C 16 0.30 -15.40 20.41
C SER C 16 0.01 -15.06 21.86
N PRO C 17 0.97 -14.42 22.55
CA PRO C 17 0.72 -14.03 23.93
C PRO C 17 -0.45 -13.05 24.04
N ASN C 18 -0.71 -12.30 22.98
CA ASN C 18 -1.69 -11.23 23.07
C ASN C 18 -2.92 -11.39 22.17
N LEU C 19 -2.80 -12.19 21.13
CA LEU C 19 -3.84 -12.25 20.11
C LEU C 19 -4.15 -13.68 19.65
N LYS C 20 -5.44 -14.02 19.66
CA LYS C 20 -5.90 -15.25 19.03
C LYS C 20 -6.66 -14.90 17.76
N ILE C 21 -6.26 -15.54 16.67
CA ILE C 21 -6.93 -15.38 15.38
C ILE C 21 -7.57 -16.71 14.99
N GLU C 22 -8.86 -16.68 14.66
CA GLU C 22 -9.56 -17.86 14.18
C GLU C 22 -10.32 -17.57 12.89
N PHE C 23 -10.53 -18.60 12.06
CA PHE C 23 -11.40 -18.49 10.89
C PHE C 23 -12.61 -19.39 11.06
N GLU C 24 -13.78 -18.90 10.65
CA GLU C 24 -14.90 -19.78 10.35
C GLU C 24 -14.93 -19.97 8.84
N ILE C 25 -14.72 -21.20 8.40
CA ILE C 25 -14.63 -21.52 6.98
C ILE C 25 -15.81 -22.40 6.57
N SER C 26 -16.45 -22.06 5.46
CA SER C 26 -17.58 -22.86 4.98
C SER C 26 -17.74 -22.76 3.47
N ARG C 27 -18.19 -23.84 2.84
CA ARG C 27 -18.44 -23.80 1.41
C ARG C 27 -19.87 -23.33 1.15
N GLU C 28 -20.04 -22.56 0.08
CA GLU C 28 -21.35 -22.05 -0.27
C GLU C 28 -21.72 -22.37 -1.71
N SER C 29 -20.71 -22.55 -2.55
CA SER C 29 -20.91 -22.89 -3.94
C SER C 29 -19.84 -23.89 -4.34
N ASN C 30 -19.94 -24.43 -5.54
CA ASN C 30 -18.88 -25.29 -6.06
C ASN C 30 -17.60 -24.49 -6.24
N SER C 31 -17.71 -23.16 -6.12
CA SER C 31 -16.57 -22.29 -6.39
C SER C 31 -16.38 -21.15 -5.37
N VAL C 32 -17.27 -21.06 -4.39
CA VAL C 32 -17.21 -19.98 -3.40
C VAL C 32 -17.06 -20.49 -1.96
N ILE C 33 -15.98 -20.06 -1.31
CA ILE C 33 -15.76 -20.37 0.09
C ILE C 33 -16.01 -19.11 0.92
N ARG C 34 -16.74 -19.25 2.01
CA ARG C 34 -16.96 -18.14 2.94
C ARG C 34 -15.94 -18.23 4.06
N ILE C 35 -15.27 -17.12 4.33
CA ILE C 35 -14.25 -17.11 5.36
C ILE C 35 -14.43 -15.89 6.24
N MLY C 36 -14.69 -16.11 7.53
CA MLY C 36 -14.80 -15.01 8.48
CB MLY C 36 -16.19 -14.93 9.10
CG MLY C 36 -16.37 -13.77 10.08
CD MLY C 36 -17.86 -13.53 10.43
CE MLY C 36 -18.02 -12.38 11.41
NZ MLY C 36 -19.45 -12.17 11.80
CH1 MLY C 36 -20.14 -11.54 10.67
CH2 MLY C 36 -19.47 -11.22 12.93
C MLY C 36 -13.72 -15.10 9.55
O MLY C 36 -13.57 -16.14 10.20
N SER C 37 -12.98 -14.03 9.73
CA SER C 37 -11.93 -14.04 10.74
C SER C 37 -12.44 -13.42 12.03
N PHE C 38 -11.98 -13.95 13.15
CA PHE C 38 -12.33 -13.46 14.46
C PHE C 38 -11.07 -13.22 15.26
N PHE C 39 -11.00 -12.05 15.88
CA PHE C 39 -9.83 -11.66 16.66
C PHE C 39 -10.20 -11.53 18.12
N THR C 40 -9.50 -12.29 18.95
CA THR C 40 -9.74 -12.29 20.39
C THR C 40 -8.51 -11.79 21.15
N ASN C 41 -8.73 -10.88 22.08
CA ASN C 41 -7.64 -10.31 22.88
C ASN C 41 -7.34 -11.24 24.05
N LEU C 42 -6.08 -11.63 24.20
CA LEU C 42 -5.67 -12.56 25.25
C LEU C 42 -4.98 -11.91 26.45
N SER C 43 -4.84 -10.59 26.44
CA SER C 43 -4.33 -9.89 27.61
C SER C 43 -5.27 -8.77 28.02
N SER C 44 -5.05 -8.24 29.22
CA SER C 44 -5.87 -7.16 29.75
C SER C 44 -5.49 -5.83 29.12
N SER C 45 -4.42 -5.84 28.34
CA SER C 45 -3.98 -4.62 27.65
C SER C 45 -4.80 -4.46 26.39
N PRO C 46 -5.41 -3.28 26.21
CA PRO C 46 -6.20 -3.08 24.99
C PRO C 46 -5.32 -3.10 23.74
N ILE C 47 -5.89 -3.64 22.68
CA ILE C 47 -5.21 -3.70 21.40
C ILE C 47 -5.80 -2.61 20.50
N SER C 48 -4.94 -1.86 19.82
CA SER C 48 -5.40 -0.79 18.93
C SER C 48 -4.69 -0.83 17.59
N ASN C 49 -5.13 0.02 16.67
CA ASN C 49 -4.48 0.16 15.37
C ASN C 49 -4.31 -1.19 14.66
N LEU C 50 -5.25 -2.11 14.87
CA LEU C 50 -5.11 -3.44 14.27
C LEU C 50 -5.39 -3.44 12.77
N VAL C 51 -4.39 -3.86 12.01
CA VAL C 51 -4.45 -3.92 10.55
C VAL C 51 -4.20 -5.36 10.09
N PHE C 52 -5.19 -5.96 9.46
CA PHE C 52 -5.10 -7.36 9.02
C PHE C 52 -5.02 -7.47 7.50
N LEU C 53 -4.02 -8.20 7.03
CA LEU C 53 -3.81 -8.39 5.59
C LEU C 53 -3.86 -9.87 5.26
N LEU C 54 -4.68 -10.22 4.27
CA LEU C 54 -4.89 -11.62 3.89
C LEU C 54 -4.66 -11.74 2.39
N ALA C 55 -3.88 -12.74 1.97
CA ALA C 55 -3.66 -12.96 0.55
C ALA C 55 -3.90 -14.42 0.20
N VAL C 56 -4.32 -14.62 -1.04
CA VAL C 56 -4.83 -15.89 -1.50
C VAL C 56 -4.07 -16.24 -2.78
N PRO C 57 -4.08 -17.52 -3.20
CA PRO C 57 -3.37 -17.85 -4.43
C PRO C 57 -3.86 -17.05 -5.63
N LYS C 58 -2.97 -16.77 -6.58
CA LYS C 58 -3.30 -15.90 -7.71
C LYS C 58 -4.53 -16.34 -8.49
N SER C 59 -4.75 -17.66 -8.56
CA SER C 59 -5.88 -18.21 -9.31
C SER C 59 -7.23 -17.94 -8.65
N MET C 60 -7.22 -17.61 -7.36
CA MET C 60 -8.47 -17.35 -6.65
C MET C 60 -8.71 -15.86 -6.45
N SER C 61 -9.91 -15.51 -5.99
CA SER C 61 -10.29 -14.11 -5.86
C SER C 61 -10.92 -13.85 -4.50
N LEU C 62 -10.20 -13.10 -3.66
CA LEU C 62 -10.67 -12.75 -2.32
C LEU C 62 -11.55 -11.50 -2.39
N MLY C 63 -12.67 -11.55 -1.67
CA MLY C 63 -13.59 -10.41 -1.60
CB MLY C 63 -14.84 -10.65 -2.45
CG MLY C 63 -14.55 -10.92 -3.92
CD MLY C 63 -13.81 -9.74 -4.57
CE MLY C 63 -13.54 -10.01 -6.05
NZ MLY C 63 -12.73 -8.92 -6.70
C MLY C 63 -13.95 -10.18 -0.14
O MLY C 63 -14.77 -10.90 0.43
N LEU C 64 -13.34 -9.17 0.47
CA LEU C 64 -13.51 -8.92 1.90
C LEU C 64 -14.44 -7.77 2.16
N GLN C 65 -15.35 -7.97 3.11
CA GLN C 65 -16.07 -6.84 3.67
C GLN C 65 -15.15 -6.11 4.66
N PRO C 66 -15.51 -4.88 5.04
CA PRO C 66 -14.64 -4.12 5.93
C PRO C 66 -14.42 -4.78 7.30
N GLN C 67 -13.21 -4.59 7.82
CA GLN C 67 -12.88 -5.00 9.16
C GLN C 67 -13.83 -4.26 10.10
N SER C 68 -14.38 -4.96 11.10
CA SER C 68 -15.43 -4.39 11.96
C SER C 68 -14.93 -3.19 12.79
N SER C 69 -13.67 -3.24 13.16
CA SER C 69 -13.04 -2.21 13.96
C SER C 69 -11.55 -2.47 13.90
N ASN C 70 -10.75 -1.60 14.52
CA ASN C 70 -9.30 -1.79 14.63
C ASN C 70 -8.83 -1.74 16.07
N PHE C 71 -9.76 -1.82 17.00
CA PHE C 71 -9.40 -1.79 18.40
CA PHE C 71 -9.45 -1.72 18.43
C PHE C 71 -10.29 -2.70 19.22
N MET C 72 -9.77 -3.19 20.34
CA MET C 72 -10.59 -3.98 21.25
C MET C 72 -10.07 -3.91 22.68
N ILE C 73 -11.01 -3.94 23.61
CA ILE C 73 -10.68 -3.78 25.02
C ILE C 73 -9.93 -5.00 25.52
N GLY C 74 -9.30 -4.86 26.69
CA GLY C 74 -8.65 -5.97 27.33
C GLY C 74 -9.55 -7.20 27.34
N ASN C 75 -8.97 -8.35 27.02
CA ASN C 75 -9.65 -9.64 27.11
C ASN C 75 -10.92 -9.77 26.26
N ALA C 76 -11.07 -8.92 25.26
CA ALA C 76 -12.24 -8.97 24.39
C ALA C 76 -12.30 -10.27 23.58
N LYS C 77 -13.40 -10.98 23.71
CA LYS C 77 -13.69 -12.13 22.85
C LYS C 77 -14.30 -11.67 21.52
N ASP C 78 -13.72 -12.11 20.42
CA ASP C 78 -14.21 -11.72 19.09
C ASP C 78 -14.41 -10.19 19.03
N GLY C 79 -13.44 -9.44 19.53
CA GLY C 79 -13.54 -7.99 19.55
C GLY C 79 -13.52 -7.37 18.16
N ILE C 80 -12.91 -8.07 17.22
CA ILE C 80 -12.83 -7.62 15.84
C ILE C 80 -13.12 -8.80 14.94
N SER C 81 -13.80 -8.56 13.82
CA SER C 81 -14.04 -9.63 12.86
C SER C 81 -14.04 -9.07 11.45
N GLN C 82 -13.90 -9.96 10.47
CA GLN C 82 -13.97 -9.55 9.07
C GLN C 82 -14.54 -10.68 8.25
N GLU C 83 -15.64 -10.41 7.56
CA GLU C 83 -16.25 -11.44 6.74
C GLU C 83 -15.83 -11.31 5.30
N GLY C 84 -15.71 -12.42 4.61
CA GLY C 84 -15.34 -12.40 3.22
C GLY C 84 -15.61 -13.72 2.53
N THR C 85 -15.33 -13.74 1.24
CA THR C 85 -15.43 -14.94 0.42
C THR C 85 -14.19 -15.11 -0.46
N ILE C 86 -13.91 -16.36 -0.82
CA ILE C 86 -12.91 -16.67 -1.82
C ILE C 86 -13.60 -17.27 -3.04
N GLU C 87 -13.46 -16.61 -4.18
CA GLU C 87 -14.08 -17.06 -5.43
C GLU C 87 -13.07 -17.86 -6.25
N ASN C 88 -13.55 -18.53 -7.30
CA ASN C 88 -12.68 -19.37 -8.13
C ASN C 88 -11.98 -20.44 -7.31
N ALA C 89 -12.65 -20.93 -6.27
CA ALA C 89 -12.07 -21.95 -5.39
C ALA C 89 -12.72 -23.32 -5.64
N ALA C 96 -4.84 -28.18 -1.88
CA ALA C 96 -4.57 -27.41 -0.67
C ALA C 96 -4.73 -25.92 -0.92
N LEU C 97 -5.49 -25.26 -0.05
CA LEU C 97 -5.75 -23.83 -0.16
C LEU C 97 -4.85 -23.06 0.80
N MLY C 98 -3.84 -22.39 0.27
CA MLY C 98 -2.85 -21.71 1.10
CB MLY C 98 -1.44 -21.98 0.57
CG MLY C 98 -1.06 -23.47 0.51
CD MLY C 98 -0.43 -23.97 1.81
C MLY C 98 -3.10 -20.21 1.15
O MLY C 98 -3.16 -19.56 0.12
N VAL C 99 -3.26 -19.68 2.35
CA VAL C 99 -3.46 -18.24 2.51
C VAL C 99 -2.34 -17.64 3.35
N LYS C 100 -1.89 -16.45 2.94
CA LYS C 100 -0.83 -15.75 3.64
C LYS C 100 -1.47 -14.60 4.40
N TRP C 101 -1.19 -14.52 5.70
CA TRP C 101 -1.79 -13.45 6.51
C TRP C 101 -0.75 -12.67 7.30
N LYS C 102 -1.06 -11.41 7.58
CA LYS C 102 -0.21 -10.58 8.42
C LYS C 102 -1.09 -9.69 9.27
N VAL C 103 -0.74 -9.55 10.54
CA VAL C 103 -1.45 -8.60 11.40
C VAL C 103 -0.45 -7.64 12.04
N ASN C 104 -0.80 -6.35 12.04
CA ASN C 104 -0.02 -5.34 12.74
C ASN C 104 -0.95 -4.67 13.71
N TYR C 105 -0.46 -4.42 14.92
CA TYR C 105 -1.26 -3.76 15.95
C TYR C 105 -0.41 -3.15 17.05
N SER C 106 -1.05 -2.39 17.92
CA SER C 106 -0.37 -1.75 19.03
C SER C 106 -0.90 -2.31 20.34
N VAL C 107 -0.01 -2.56 21.28
CA VAL C 107 -0.42 -3.06 22.59
C VAL C 107 0.68 -2.73 23.59
N ASN C 108 0.30 -2.28 24.79
CA ASN C 108 1.27 -1.88 25.80
C ASN C 108 2.23 -0.81 25.30
N SER C 109 1.73 0.11 24.49
CA SER C 109 2.55 1.15 23.89
C SER C 109 3.73 0.61 23.07
N THR C 110 3.58 -0.58 22.52
CA THR C 110 4.60 -1.17 21.64
C THR C 110 3.96 -1.64 20.34
N GLN C 111 4.76 -1.81 19.29
CA GLN C 111 4.22 -2.24 18.00
C GLN C 111 4.43 -3.74 17.79
N ALA C 112 3.34 -4.43 17.47
CA ALA C 112 3.37 -5.87 17.32
C ALA C 112 3.08 -6.25 15.88
N GLU C 113 3.65 -7.35 15.43
CA GLU C 113 3.39 -7.85 14.10
C GLU C 113 3.51 -9.36 14.15
N GLU C 114 2.54 -10.04 13.55
CA GLU C 114 2.52 -11.49 13.49
C GLU C 114 2.17 -11.89 12.07
N THR C 115 2.85 -12.92 11.56
CA THR C 115 2.58 -13.35 10.19
C THR C 115 2.69 -14.88 10.10
N ALA C 116 2.04 -15.46 9.09
CA ALA C 116 2.15 -16.90 8.80
C ALA C 116 1.43 -17.28 7.50
N VAL C 117 1.56 -18.56 7.13
CA VAL C 117 0.86 -19.12 5.99
C VAL C 117 -0.09 -20.24 6.43
N PHE C 118 -1.39 -20.03 6.18
CA PHE C 118 -2.44 -20.91 6.70
C PHE C 118 -3.11 -21.74 5.59
N THR C 119 -3.18 -23.05 5.80
CA THR C 119 -3.87 -23.92 4.85
C THR C 119 -5.29 -24.17 5.31
N LEU C 120 -6.26 -23.90 4.44
CA LEU C 120 -7.66 -24.08 4.79
C LEU C 120 -8.02 -25.56 4.84
N PRO C 121 -8.84 -25.96 5.81
CA PRO C 121 -9.34 -27.33 5.77
C PRO C 121 -10.19 -27.48 4.52
N ASN C 122 -10.41 -28.71 4.08
CA ASN C 122 -11.30 -28.92 2.95
C ASN C 122 -12.76 -28.77 3.36
N VAL C 123 -13.48 -27.91 2.65
CA VAL C 123 -14.89 -27.69 2.94
C VAL C 123 -15.70 -27.86 1.65
S SO4 D . -1.93 -10.35 -10.14
O1 SO4 D . -0.73 -11.18 -10.25
O2 SO4 D . -2.88 -10.97 -9.22
O3 SO4 D . -1.57 -9.03 -9.62
O4 SO4 D . -2.52 -10.19 -11.48
C1 GOL E . 19.50 6.14 -1.88
O1 GOL E . 20.64 5.86 -2.63
C2 GOL E . 19.72 7.08 -0.70
O2 GOL E . 18.72 6.82 0.28
C3 GOL E . 21.14 7.04 -0.08
O3 GOL E . 21.29 5.95 0.82
C1 GOL F . 17.77 23.35 -6.23
O1 GOL F . 16.76 22.83 -5.41
C2 GOL F . 19.07 22.78 -5.70
O2 GOL F . 19.62 21.92 -6.66
C3 GOL F . 20.08 23.83 -5.26
O3 GOL F . 21.11 23.15 -4.57
S SO4 G . 16.41 9.72 7.70
O1 SO4 G . 17.78 9.43 7.28
O2 SO4 G . 16.02 8.77 8.74
O3 SO4 G . 16.32 11.08 8.24
O4 SO4 G . 15.52 9.59 6.55
C1 GOL H . 8.61 5.93 10.45
O1 GOL H . 9.50 6.81 11.09
C2 GOL H . 9.27 4.57 10.23
O2 GOL H . 10.66 4.67 10.38
C3 GOL H . 8.65 3.52 11.14
O3 GOL H . 8.91 3.81 12.50
C1 GOL I . -5.23 -6.74 -0.17
O1 GOL I . -6.18 -6.88 0.87
C2 GOL I . -5.68 -7.34 -1.49
O2 GOL I . -4.52 -7.51 -2.29
C3 GOL I . -6.38 -8.70 -1.32
O3 GOL I . -5.43 -9.69 -0.95
S SO4 J . 8.25 -0.31 19.71
O1 SO4 J . 9.44 -0.36 18.87
O2 SO4 J . 7.60 -1.62 19.72
O3 SO4 J . 8.63 0.06 21.07
O4 SO4 J . 7.34 0.69 19.16
C1 GOL K . 0.83 1.19 14.09
O1 GOL K . 1.88 1.90 13.46
C2 GOL K . 0.97 -0.27 13.66
O2 GOL K . 1.74 -0.97 14.60
C3 GOL K . -0.39 -0.94 13.49
O3 GOL K . -1.21 -0.18 12.64
#